data_5FLG
#
_entry.id   5FLG
#
_cell.length_a   49.590
_cell.length_b   77.900
_cell.length_c   166.000
_cell.angle_alpha   90.00
_cell.angle_beta   90.00
_cell.angle_gamma   90.00
#
_symmetry.space_group_name_H-M   'P 21 21 21'
#
loop_
_entity.id
_entity.type
_entity.pdbx_description
1 polymer '6-CARBOXYHEXANOATE--COA LIGASE'
2 non-polymer 'PIMELIC ACID'
3 non-polymer 'PHOSPHOAMINOPHOSPHONIC ACID-ADENYLATE ESTER'
4 non-polymer 'MAGNESIUM ION'
5 water water
#
_entity_poly.entity_id   1
_entity_poly.type   'polypeptide(L)'
_entity_poly.pdbx_seq_one_letter_code
;GAMEEETFYSVRMRASMNGSHEDGGKHISGGERLIPFHEMKHTVNALLEKGLSHSRGKPDFMQIQFEEVHESIKTIQPLP
VHTNEVSCPEEGQKLARLLLEKEGVSRDVIEKAYEQIPEWSDVRGAVLFDIHTGKRMDQTKEKGVRVSRMDWPDANFEKW
ALHSHVPAHSRIKEALALASKVSRHPAVVAELCWSDDPDYITGYVAGKKMGYQRITAMKEYGTEEGCRVFFIDGSNDVNT
YIHDLEKQPILIEWEEDHDS
;
_entity_poly.pdbx_strand_id   A,B
#
loop_
_chem_comp.id
_chem_comp.type
_chem_comp.name
_chem_comp.formula
ANP non-polymer 'PHOSPHOAMINOPHOSPHONIC ACID-ADENYLATE ESTER' 'C10 H17 N6 O12 P3'
MG non-polymer 'MAGNESIUM ION' 'Mg 2'
PML non-polymer 'PIMELIC ACID' 'C7 H12 O4'
#
# COMPACT_ATOMS: atom_id res chain seq x y z
N GLU A 5 -18.65 -7.49 19.39
CA GLU A 5 -17.25 -7.61 18.88
C GLU A 5 -17.05 -6.72 17.64
N GLU A 6 -16.56 -5.50 17.85
CA GLU A 6 -16.25 -4.58 16.76
C GLU A 6 -15.08 -5.08 15.89
N THR A 7 -15.19 -4.86 14.59
CA THR A 7 -14.14 -5.27 13.66
C THR A 7 -13.03 -4.24 13.57
N PHE A 8 -11.80 -4.71 13.73
CA PHE A 8 -10.63 -3.85 13.63
C PHE A 8 -9.76 -4.12 12.40
N TYR A 9 -9.04 -3.07 11.98
CA TYR A 9 -8.26 -3.09 10.76
C TYR A 9 -6.84 -2.67 11.06
N SER A 10 -5.89 -3.46 10.57
CA SER A 10 -4.48 -3.11 10.60
C SER A 10 -4.16 -2.15 9.45
N VAL A 11 -3.57 -1.02 9.75
CA VAL A 11 -3.21 -0.05 8.70
C VAL A 11 -1.75 0.25 8.84
N ARG A 12 -1.00 -0.07 7.78
CA ARG A 12 0.45 0.02 7.82
C ARG A 12 0.98 0.87 6.68
N MET A 13 2.13 1.48 6.93
CA MET A 13 2.76 2.38 5.99
C MET A 13 4.25 2.18 6.08
N ARG A 14 4.91 2.29 4.93
CA ARG A 14 6.31 2.53 4.95
C ARG A 14 6.72 3.43 3.80
N ALA A 15 7.84 4.11 3.98
CA ALA A 15 8.28 5.08 3.02
C ALA A 15 9.78 5.08 2.95
N SER A 16 10.30 5.36 1.76
CA SER A 16 11.73 5.38 1.56
C SER A 16 12.13 6.37 0.47
N MET A 17 13.42 6.68 0.40
CA MET A 17 13.94 7.44 -0.71
C MET A 17 15.07 6.70 -1.41
N ASN A 18 15.25 7.05 -2.69
CA ASN A 18 16.09 6.31 -3.65
C ASN A 18 15.63 4.87 -3.84
N GLY A 19 14.35 4.74 -4.22
CA GLY A 19 13.74 3.42 -4.41
C GLY A 19 12.85 3.04 -3.24
N SER A 20 12.28 1.82 -3.30
CA SER A 20 11.71 1.12 -2.14
C SER A 20 12.73 0.73 -1.05
N ASP A 23 14.77 -2.31 -3.11
CA ASP A 23 15.60 -1.58 -4.08
C ASP A 23 16.88 -0.98 -3.48
N GLY A 24 17.00 -0.96 -2.16
CA GLY A 24 18.19 -0.42 -1.49
C GLY A 24 18.01 0.98 -0.94
N GLY A 25 16.77 1.47 -0.90
CA GLY A 25 16.51 2.85 -0.51
C GLY A 25 16.89 3.14 0.94
N LYS A 26 16.91 4.42 1.27
CA LYS A 26 16.93 4.89 2.65
C LYS A 26 15.51 4.83 3.24
N HIS A 27 15.34 4.05 4.30
CA HIS A 27 14.13 4.03 5.12
C HIS A 27 13.84 5.44 5.62
N ILE A 28 12.66 5.97 5.33
CA ILE A 28 12.33 7.31 5.85
C ILE A 28 11.40 7.18 7.06
N SER A 29 10.29 6.50 6.84
CA SER A 29 9.26 6.39 7.86
C SER A 29 8.52 5.06 7.80
N GLY A 30 8.01 4.62 8.94
CA GLY A 30 7.10 3.48 9.02
C GLY A 30 6.05 3.74 10.06
N GLY A 31 4.85 3.22 9.86
CA GLY A 31 3.84 3.32 10.90
C GLY A 31 2.92 2.14 10.93
N GLU A 32 2.26 1.95 12.07
CA GLU A 32 1.26 0.92 12.14
C GLU A 32 0.15 1.29 13.07
N ARG A 33 -1.09 0.96 12.72
CA ARG A 33 -2.24 1.43 13.46
C ARG A 33 -3.22 0.29 13.48
N LEU A 34 -4.10 0.30 14.45
CA LEU A 34 -5.18 -0.66 14.54
C LEU A 34 -6.49 0.07 14.89
N ILE A 35 -7.49 -0.01 14.04
CA ILE A 35 -8.60 0.92 14.10
C ILE A 35 -9.90 0.31 13.61
N PRO A 36 -11.02 0.83 14.14
CA PRO A 36 -12.29 0.57 13.51
C PRO A 36 -12.41 1.25 12.15
N PHE A 37 -13.37 0.79 11.36
CA PHE A 37 -13.39 1.09 9.97
C PHE A 37 -13.73 2.57 9.73
N HIS A 38 -14.48 3.17 10.63
CA HIS A 38 -14.88 4.56 10.47
C HIS A 38 -13.69 5.47 10.75
N GLU A 39 -12.58 4.92 11.24
CA GLU A 39 -11.41 5.78 11.37
C GLU A 39 -10.44 5.74 10.19
N MET A 40 -10.85 5.11 9.10
CA MET A 40 -9.90 4.79 8.04
C MET A 40 -9.39 6.06 7.33
N LYS A 41 -10.29 7.00 7.06
CA LYS A 41 -9.88 8.15 6.25
C LYS A 41 -8.88 8.98 7.00
N HIS A 42 -9.16 9.23 8.27
CA HIS A 42 -8.25 9.97 9.11
C HIS A 42 -6.93 9.27 9.29
N THR A 43 -6.95 7.94 9.37
CA THR A 43 -5.76 7.20 9.73
C THR A 43 -4.84 7.07 8.54
N VAL A 44 -5.41 6.80 7.38
CA VAL A 44 -4.63 6.78 6.16
C VAL A 44 -4.00 8.15 5.92
N ASN A 45 -4.74 9.23 6.17
CA ASN A 45 -4.14 10.56 6.07
C ASN A 45 -3.06 10.85 7.12
N ALA A 46 -3.23 10.35 8.34
CA ALA A 46 -2.22 10.58 9.35
C ALA A 46 -0.93 9.87 8.95
N LEU A 47 -1.04 8.67 8.42
CA LEU A 47 0.14 7.92 7.97
C LEU A 47 0.76 8.60 6.75
N LEU A 48 -0.06 8.99 5.79
CA LEU A 48 0.48 9.69 4.61
C LEU A 48 1.32 10.86 5.08
N GLU A 49 0.76 11.69 5.94
CA GLU A 49 1.39 12.94 6.35
C GLU A 49 2.66 12.68 7.16
N LYS A 50 2.63 11.64 7.97
CA LYS A 50 3.78 11.25 8.74
C LYS A 50 4.93 10.89 7.83
N GLY A 51 4.64 10.20 6.76
CA GLY A 51 5.67 9.86 5.80
C GLY A 51 6.16 11.04 4.95
N LEU A 52 5.27 11.99 4.64
CA LEU A 52 5.62 13.12 3.76
C LEU A 52 6.35 14.27 4.47
N SER A 53 6.25 14.36 5.78
CA SER A 53 6.84 15.50 6.47
C SER A 53 7.97 15.02 7.37
N HIS A 54 8.69 13.97 6.99
CA HIS A 54 9.64 13.37 7.90
C HIS A 54 10.96 14.13 7.87
N SER A 55 11.58 14.29 9.04
CA SER A 55 12.88 14.93 9.18
C SER A 55 14.02 14.14 8.51
N ARG A 56 13.81 12.85 8.23
CA ARG A 56 14.84 12.09 7.53
C ARG A 56 14.78 12.35 6.00
N GLY A 57 13.82 13.18 5.57
CA GLY A 57 13.75 13.60 4.17
C GLY A 57 12.43 13.21 3.49
N LYS A 58 12.34 13.55 2.21
CA LYS A 58 11.12 13.36 1.43
C LYS A 58 11.18 12.01 0.70
N PRO A 59 10.15 11.18 0.85
CA PRO A 59 10.14 9.86 0.20
C PRO A 59 9.86 9.93 -1.30
N ASP A 60 10.43 9.01 -2.07
CA ASP A 60 10.00 8.82 -3.46
C ASP A 60 9.23 7.53 -3.63
N PHE A 61 8.98 6.84 -2.52
CA PHE A 61 8.27 5.59 -2.53
C PHE A 61 7.51 5.41 -1.23
N MET A 62 6.24 5.04 -1.32
CA MET A 62 5.45 4.79 -0.12
C MET A 62 4.37 3.78 -0.41
N GLN A 63 4.15 2.90 0.56
CA GLN A 63 3.04 1.97 0.57
C GLN A 63 2.17 2.18 1.79
N ILE A 64 0.87 2.06 1.63
CA ILE A 64 -0.06 2.11 2.74
C ILE A 64 -1.03 1.01 2.48
N GLN A 65 -1.30 0.20 3.49
CA GLN A 65 -2.15 -0.96 3.32
C GLN A 65 -3.10 -1.08 4.52
N PHE A 66 -4.30 -1.58 4.29
CA PHE A 66 -5.14 -2.00 5.39
C PHE A 66 -5.73 -3.36 5.15
N GLU A 67 -5.96 -4.08 6.24
CA GLU A 67 -6.58 -5.39 6.20
C GLU A 67 -7.29 -5.69 7.48
N GLU A 68 -8.44 -6.32 7.35
CA GLU A 68 -9.18 -6.82 8.46
C GLU A 68 -8.34 -7.73 9.33
N VAL A 69 -8.42 -7.50 10.63
CA VAL A 69 -7.83 -8.42 11.59
C VAL A 69 -8.87 -9.45 12.04
N HIS A 70 -8.50 -10.72 11.96
CA HIS A 70 -9.43 -11.78 12.33
C HIS A 70 -9.26 -12.27 13.76
N GLU A 71 -8.07 -12.09 14.33
CA GLU A 71 -7.80 -12.52 15.69
C GLU A 71 -8.52 -11.56 16.62
N SER A 72 -8.94 -12.04 17.79
CA SER A 72 -9.67 -11.17 18.72
C SER A 72 -8.68 -10.23 19.43
N ILE A 73 -9.10 -8.99 19.64
CA ILE A 73 -8.25 -7.93 20.16
C ILE A 73 -8.12 -8.10 21.65
N LYS A 74 -6.95 -7.80 22.16
CA LYS A 74 -6.72 -7.83 23.57
C LYS A 74 -6.37 -6.42 23.96
N THR A 75 -6.83 -6.03 25.13
CA THR A 75 -6.60 -4.70 25.65
C THR A 75 -5.76 -4.80 26.89
N ILE A 76 -4.70 -4.01 26.98
CA ILE A 76 -3.80 -3.96 28.11
C ILE A 76 -3.53 -2.55 28.56
N GLN A 77 -3.07 -2.43 29.78
CA GLN A 77 -2.51 -1.21 30.33
C GLN A 77 -1.13 -0.88 29.77
N PRO A 78 -0.84 0.43 29.62
CA PRO A 78 0.51 0.82 29.31
C PRO A 78 1.39 0.47 30.49
N LEU A 79 2.66 0.23 30.21
CA LEU A 79 3.66 0.18 31.25
C LEU A 79 3.63 1.46 32.07
N PRO A 80 3.92 1.33 33.37
CA PRO A 80 4.36 2.46 34.19
C PRO A 80 5.59 3.19 33.63
N VAL A 81 5.49 4.52 33.56
CA VAL A 81 6.53 5.33 32.98
C VAL A 81 7.34 6.07 34.05
N HIS A 82 8.63 6.19 33.82
CA HIS A 82 9.49 7.05 34.61
C HIS A 82 10.46 7.78 33.66
N THR A 83 10.59 9.10 33.86
CA THR A 83 11.47 9.89 33.03
C THR A 83 12.77 10.16 33.76
N ASN A 84 13.86 9.68 33.19
CA ASN A 84 15.18 9.93 33.73
C ASN A 84 15.79 11.07 32.97
N GLU A 85 16.00 12.17 33.67
CA GLU A 85 16.60 13.36 33.07
C GLU A 85 18.11 13.21 33.15
N VAL A 86 18.77 13.28 32.01
CA VAL A 86 20.21 13.24 31.98
C VAL A 86 20.70 14.44 31.18
N SER A 87 21.99 14.71 31.25
CA SER A 87 22.53 15.95 30.71
C SER A 87 23.26 15.76 29.37
N CYS A 88 23.56 14.51 29.03
CA CYS A 88 24.23 14.22 27.76
C CYS A 88 24.02 12.74 27.39
N PRO A 89 24.32 12.38 26.14
CA PRO A 89 24.08 11.04 25.64
C PRO A 89 24.89 9.98 26.35
N GLU A 90 26.12 10.29 26.72
CA GLU A 90 26.97 9.30 27.38
C GLU A 90 26.43 8.97 28.75
N GLU A 91 25.89 9.97 29.44
CA GLU A 91 25.24 9.74 30.72
C GLU A 91 24.01 8.86 30.51
N GLY A 92 23.24 9.15 29.47
CA GLY A 92 22.04 8.36 29.15
C GLY A 92 22.36 6.91 28.85
N GLN A 93 23.40 6.68 28.07
CA GLN A 93 23.72 5.35 27.59
C GLN A 93 24.17 4.47 28.77
N LYS A 94 24.97 5.07 29.63
CA LYS A 94 25.44 4.41 30.83
C LYS A 94 24.29 4.04 31.73
N LEU A 95 23.39 4.97 31.96
CA LEU A 95 22.15 4.68 32.63
C LEU A 95 21.37 3.54 31.94
N ALA A 96 21.23 3.62 30.60
CA ALA A 96 20.51 2.59 29.90
C ALA A 96 21.12 1.20 30.25
N ARG A 97 22.45 1.12 30.35
CA ARG A 97 23.13 -0.16 30.50
C ARG A 97 22.98 -0.67 31.94
N LEU A 98 22.90 0.26 32.88
CA LEU A 98 22.63 -0.03 34.28
C LEU A 98 21.21 -0.61 34.45
N LEU A 99 20.23 0.05 33.84
CA LEU A 99 18.85 -0.41 33.85
C LEU A 99 18.67 -1.77 33.17
N LEU A 100 19.27 -1.99 32.00
CA LEU A 100 19.19 -3.34 31.38
C LEU A 100 19.71 -4.42 32.35
N GLU A 101 20.78 -4.13 33.07
CA GLU A 101 21.39 -5.11 33.96
C GLU A 101 20.52 -5.43 35.16
N LYS A 102 20.01 -4.39 35.78
CA LYS A 102 19.04 -4.50 36.82
C LYS A 102 17.77 -5.26 36.38
N GLU A 103 17.34 -5.09 35.13
CA GLU A 103 16.19 -5.86 34.65
C GLU A 103 16.48 -7.35 34.47
N GLY A 104 17.75 -7.74 34.34
CA GLY A 104 18.09 -9.15 34.23
C GLY A 104 18.96 -9.53 33.05
N VAL A 105 19.28 -8.57 32.18
CA VAL A 105 20.21 -8.86 31.10
C VAL A 105 21.62 -8.84 31.63
N SER A 106 22.37 -9.90 31.40
CA SER A 106 23.72 -9.96 31.98
C SER A 106 24.61 -8.95 31.25
N ARG A 107 25.63 -8.47 31.95
CA ARG A 107 26.55 -7.44 31.48
C ARG A 107 27.30 -7.80 30.21
N ASP A 108 27.70 -9.06 30.10
CA ASP A 108 28.42 -9.49 28.92
C ASP A 108 27.51 -9.53 27.70
N VAL A 109 26.24 -9.89 27.88
CA VAL A 109 25.27 -9.77 26.78
C VAL A 109 25.04 -8.30 26.35
N ILE A 110 24.97 -7.42 27.33
CA ILE A 110 24.75 -5.99 27.05
C ILE A 110 25.94 -5.47 26.24
N GLU A 111 27.16 -5.81 26.64
CA GLU A 111 28.35 -5.29 25.95
C GLU A 111 28.42 -5.83 24.53
N LYS A 112 28.08 -7.09 24.37
CA LYS A 112 28.15 -7.69 23.04
C LYS A 112 27.15 -6.97 22.13
N ALA A 113 25.98 -6.66 22.67
CA ALA A 113 24.95 -6.04 21.86
C ALA A 113 25.39 -4.64 21.48
N TYR A 114 25.99 -3.92 22.44
CA TYR A 114 26.44 -2.54 22.17
C TYR A 114 27.53 -2.44 21.13
N GLU A 115 28.38 -3.47 21.03
CA GLU A 115 29.31 -3.57 19.93
C GLU A 115 28.64 -3.69 18.56
N GLN A 116 27.45 -4.24 18.51
CA GLN A 116 26.80 -4.51 17.25
C GLN A 116 25.77 -3.46 16.84
N ILE A 117 25.45 -2.57 17.77
CA ILE A 117 24.39 -1.61 17.54
C ILE A 117 24.65 -0.68 16.34
N PRO A 118 25.89 -0.21 16.18
CA PRO A 118 26.29 0.49 14.95
C PRO A 118 26.02 -0.24 13.66
N GLU A 119 26.29 -1.54 13.60
CA GLU A 119 26.02 -2.26 12.37
C GLU A 119 24.50 -2.44 12.14
N TRP A 120 23.68 -2.24 13.16
CA TRP A 120 22.24 -2.43 13.00
C TRP A 120 21.52 -1.10 12.74
N SER A 121 22.28 -0.03 12.54
CA SER A 121 21.71 1.30 12.28
C SER A 121 20.67 1.28 11.18
N ASP A 122 20.91 0.49 10.14
CA ASP A 122 20.02 0.53 8.99
C ASP A 122 18.85 -0.43 9.04
N VAL A 123 18.74 -1.20 10.11
CA VAL A 123 17.66 -2.13 10.24
C VAL A 123 16.38 -1.37 10.47
N ARG A 124 15.35 -1.73 9.71
CA ARG A 124 14.10 -0.99 9.58
C ARG A 124 13.08 -1.35 10.64
N GLY A 125 13.27 -2.52 11.26
CA GLY A 125 12.47 -2.89 12.41
C GLY A 125 13.41 -3.09 13.58
N ALA A 126 13.17 -4.18 14.31
CA ALA A 126 13.88 -4.43 15.54
C ALA A 126 14.77 -5.65 15.35
N VAL A 127 15.85 -5.66 16.11
CA VAL A 127 16.74 -6.78 16.18
C VAL A 127 16.37 -7.59 17.40
N LEU A 128 16.45 -8.91 17.28
CA LEU A 128 16.21 -9.81 18.39
C LEU A 128 17.52 -10.43 18.85
N PHE A 129 17.83 -10.27 20.13
CA PHE A 129 19.13 -10.60 20.63
C PHE A 129 18.97 -11.67 21.72
N ASP A 130 19.53 -12.84 21.49
CA ASP A 130 19.34 -13.97 22.41
C ASP A 130 20.29 -13.83 23.58
N ILE A 131 19.77 -13.80 24.81
CA ILE A 131 20.62 -13.59 25.97
C ILE A 131 21.32 -14.90 26.38
N HIS A 132 20.99 -16.00 25.74
CA HIS A 132 21.71 -17.26 26.02
C HIS A 132 22.95 -17.43 25.16
N THR A 133 22.83 -17.16 23.87
CA THR A 133 23.94 -17.30 22.95
C THR A 133 24.75 -16.03 22.88
N GLY A 134 24.16 -14.90 23.28
CA GLY A 134 24.83 -13.60 23.10
C GLY A 134 24.97 -13.18 21.63
N LYS A 135 24.02 -13.58 20.82
CA LYS A 135 24.04 -13.33 19.37
C LYS A 135 22.63 -12.89 18.91
N ARG A 136 22.58 -12.26 17.75
CA ARG A 136 21.35 -11.95 17.06
C ARG A 136 20.65 -13.23 16.67
N MET A 137 19.34 -13.22 16.79
CA MET A 137 18.56 -14.44 16.82
C MET A 137 17.66 -14.47 15.59
N ASP A 138 17.15 -13.33 15.16
CA ASP A 138 16.34 -13.31 13.96
C ASP A 138 17.21 -13.31 12.73
N GLN A 139 16.61 -13.72 11.62
CA GLN A 139 17.30 -13.82 10.37
C GLN A 139 16.72 -12.85 9.34
N THR A 140 16.22 -11.72 9.80
CA THR A 140 15.63 -10.74 8.87
C THR A 140 16.61 -9.72 8.29
N LYS A 141 17.85 -9.72 8.74
CA LYS A 141 18.85 -8.81 8.22
C LYS A 141 18.36 -7.35 8.29
N GLU A 142 18.42 -6.60 7.17
CA GLU A 142 18.15 -5.14 7.23
C GLU A 142 16.68 -4.89 7.43
N LYS A 143 15.87 -5.92 7.26
CA LYS A 143 14.44 -5.68 7.29
C LYS A 143 14.03 -5.55 8.78
N GLY A 144 14.62 -6.39 9.61
CA GLY A 144 14.29 -6.40 11.01
C GLY A 144 12.92 -6.97 11.24
N VAL A 145 12.53 -7.06 12.51
CA VAL A 145 11.23 -7.58 12.85
C VAL A 145 10.37 -6.39 13.14
N ARG A 146 9.22 -6.31 12.48
CA ARG A 146 8.40 -5.11 12.56
C ARG A 146 7.14 -5.40 13.38
N VAL A 147 7.09 -4.87 14.58
CA VAL A 147 5.95 -5.05 15.44
C VAL A 147 4.75 -4.30 14.87
N SER A 148 3.64 -5.00 14.77
CA SER A 148 2.49 -4.48 14.10
C SER A 148 1.22 -4.73 14.92
N ARG A 149 0.11 -4.12 14.51
CA ARG A 149 -1.21 -4.43 15.05
C ARG A 149 -1.32 -4.06 16.49
N MET A 150 -0.72 -2.92 16.83
CA MET A 150 -0.93 -2.33 18.14
C MET A 150 -1.30 -0.86 17.97
N ASP A 151 -2.03 -0.30 18.92
CA ASP A 151 -2.43 1.12 18.85
C ASP A 151 -3.03 1.52 20.18
N TRP A 152 -3.34 2.80 20.31
CA TRP A 152 -3.75 3.38 21.57
C TRP A 152 -4.69 4.53 21.19
N PRO A 153 -6.00 4.31 21.30
CA PRO A 153 -6.98 5.35 21.03
C PRO A 153 -6.61 6.70 21.63
N ASP A 154 -6.49 7.69 20.75
CA ASP A 154 -6.01 8.98 21.18
C ASP A 154 -6.62 9.52 22.46
N ALA A 155 -7.92 9.40 22.61
CA ALA A 155 -8.61 10.07 23.72
C ALA A 155 -8.13 9.51 25.05
N ASN A 156 -7.89 8.21 25.06
CA ASN A 156 -7.41 7.56 26.28
C ASN A 156 -5.93 7.91 26.49
N PHE A 157 -5.17 7.98 25.42
CA PHE A 157 -3.79 8.45 25.54
C PHE A 157 -3.65 9.87 26.08
N GLU A 158 -4.46 10.79 25.59
CA GLU A 158 -4.37 12.17 26.09
C GLU A 158 -4.67 12.24 27.59
N LYS A 159 -5.65 11.48 28.02
CA LYS A 159 -5.95 11.40 29.44
C LYS A 159 -4.78 10.82 30.22
N TRP A 160 -4.19 9.75 29.70
CA TRP A 160 -3.00 9.18 30.34
C TRP A 160 -1.85 10.18 30.44
N ALA A 161 -1.61 10.93 29.39
CA ALA A 161 -0.47 11.83 29.40
C ALA A 161 -0.67 12.97 30.39
N LEU A 162 -1.90 13.42 30.52
CA LEU A 162 -2.23 14.45 31.49
C LEU A 162 -1.93 13.95 32.89
N HIS A 163 -2.49 12.80 33.24
CA HIS A 163 -2.21 12.23 34.55
C HIS A 163 -0.72 12.00 34.78
N SER A 164 0.03 11.66 33.73
CA SER A 164 1.40 11.19 33.93
C SER A 164 2.40 12.32 33.94
N HIS A 165 1.93 13.54 33.63
CA HIS A 165 2.81 14.70 33.48
C HIS A 165 3.86 14.44 32.43
N VAL A 166 3.42 13.82 31.35
CA VAL A 166 4.23 13.60 30.17
C VAL A 166 3.51 14.27 29.01
N PRO A 167 4.26 14.88 28.08
CA PRO A 167 3.62 15.60 26.98
C PRO A 167 2.88 14.63 26.06
N ALA A 168 1.77 15.08 25.51
CA ALA A 168 0.90 14.23 24.70
C ALA A 168 1.39 14.10 23.25
N HIS A 169 2.62 13.68 23.06
CA HIS A 169 3.19 13.59 21.73
C HIS A 169 2.95 12.24 21.09
N SER A 170 2.71 12.27 19.78
CA SER A 170 2.49 11.06 19.03
C SER A 170 3.63 10.05 19.16
N ARG A 171 4.87 10.54 19.11
CA ARG A 171 6.04 9.69 19.28
C ARG A 171 5.87 8.81 20.53
N ILE A 172 5.41 9.43 21.62
CA ILE A 172 5.39 8.72 22.91
C ILE A 172 4.24 7.72 22.92
N LYS A 173 3.12 8.13 22.34
CA LYS A 173 2.01 7.20 22.16
C LYS A 173 2.39 5.95 21.38
N GLU A 174 3.10 6.15 20.28
CA GLU A 174 3.54 5.06 19.45
C GLU A 174 4.57 4.19 20.15
N ALA A 175 5.55 4.80 20.79
CA ALA A 175 6.60 4.06 21.40
C ALA A 175 6.08 3.27 22.57
N LEU A 176 5.26 3.91 23.40
CA LEU A 176 4.76 3.24 24.59
C LEU A 176 3.78 2.12 24.21
N ALA A 177 3.02 2.31 23.14
CA ALA A 177 2.16 1.23 22.68
C ALA A 177 2.99 0.03 22.25
N LEU A 178 4.03 0.30 21.46
CA LEU A 178 4.94 -0.75 21.04
C LEU A 178 5.59 -1.46 22.21
N ALA A 179 6.20 -0.67 23.09
CA ALA A 179 6.92 -1.19 24.19
C ALA A 179 6.04 -2.02 25.10
N SER A 180 4.81 -1.56 25.32
CA SER A 180 3.87 -2.34 26.11
C SER A 180 3.50 -3.68 25.48
N LYS A 181 3.21 -3.68 24.19
CA LYS A 181 2.96 -4.93 23.52
C LYS A 181 4.17 -5.85 23.61
N VAL A 182 5.36 -5.31 23.34
CA VAL A 182 6.55 -6.10 23.29
C VAL A 182 6.86 -6.67 24.68
N SER A 183 6.75 -5.83 25.70
CA SER A 183 7.15 -6.25 27.04
C SER A 183 6.27 -7.37 27.61
N ARG A 184 5.00 -7.36 27.21
CA ARG A 184 4.05 -8.38 27.57
C ARG A 184 4.52 -9.78 27.12
N HIS A 185 5.21 -9.85 26.00
CA HIS A 185 5.60 -11.15 25.50
C HIS A 185 6.48 -11.92 26.48
N PRO A 186 6.07 -13.13 26.84
CA PRO A 186 6.85 -13.80 27.91
C PRO A 186 8.33 -14.06 27.59
N ALA A 187 8.75 -14.05 26.34
CA ALA A 187 10.18 -14.27 26.06
C ALA A 187 11.05 -13.00 26.08
N VAL A 188 10.42 -11.82 26.10
CA VAL A 188 11.18 -10.59 26.08
C VAL A 188 11.55 -10.08 27.46
N VAL A 189 12.84 -9.96 27.71
CA VAL A 189 13.33 -9.53 29.01
C VAL A 189 13.46 -8.00 29.03
N ALA A 190 13.86 -7.42 27.92
CA ALA A 190 14.08 -5.98 27.88
C ALA A 190 14.21 -5.45 26.47
N GLU A 191 13.93 -4.15 26.34
CA GLU A 191 13.97 -3.47 25.05
C GLU A 191 14.85 -2.22 25.21
N LEU A 192 15.74 -1.99 24.25
CA LEU A 192 16.51 -0.78 24.20
C LEU A 192 16.15 -0.04 22.91
N CYS A 193 15.90 1.26 23.03
CA CYS A 193 15.39 2.02 21.90
C CYS A 193 15.91 3.45 21.91
N TRP A 194 16.33 3.93 20.75
CA TRP A 194 16.31 5.39 20.49
C TRP A 194 16.09 5.66 19.02
N SER A 195 15.73 6.91 18.72
CA SER A 195 15.19 7.27 17.46
C SER A 195 16.27 7.30 16.39
N ASP A 196 15.89 7.00 15.17
CA ASP A 196 16.74 7.31 14.01
C ASP A 196 16.39 8.69 13.39
N ASP A 197 15.59 9.49 14.08
CA ASP A 197 15.33 10.89 13.62
C ASP A 197 16.47 11.85 14.06
N PRO A 198 16.85 12.81 13.18
CA PRO A 198 17.94 13.71 13.57
C PRO A 198 17.53 14.71 14.65
N ASP A 199 16.24 14.82 14.91
CA ASP A 199 15.76 15.94 15.70
C ASP A 199 15.04 15.43 16.94
N TYR A 200 15.37 14.20 17.36
CA TYR A 200 14.79 13.66 18.60
C TYR A 200 15.74 12.70 19.31
N ILE A 201 16.21 13.12 20.48
CA ILE A 201 17.31 12.42 21.15
C ILE A 201 16.91 11.62 22.38
N THR A 202 15.64 11.70 22.76
CA THR A 202 15.10 10.85 23.83
C THR A 202 14.89 9.44 23.37
N GLY A 203 15.30 8.50 24.24
CA GLY A 203 15.03 7.09 24.00
C GLY A 203 14.53 6.43 25.27
N TYR A 204 14.65 5.10 25.36
CA TYR A 204 14.15 4.41 26.52
C TYR A 204 14.69 2.98 26.60
N VAL A 205 14.58 2.45 27.80
CA VAL A 205 14.72 1.01 28.06
C VAL A 205 13.43 0.61 28.73
N ALA A 206 12.88 -0.53 28.33
CA ALA A 206 11.64 -1.01 28.87
C ALA A 206 11.81 -2.45 29.33
N GLY A 207 11.03 -2.81 30.34
CA GLY A 207 10.95 -4.20 30.77
C GLY A 207 9.85 -4.39 31.78
N LYS A 208 9.63 -5.64 32.16
CA LYS A 208 8.43 -6.03 32.87
C LYS A 208 8.51 -5.44 34.24
N LYS A 209 9.70 -5.39 34.80
CA LYS A 209 9.84 -4.86 36.15
C LYS A 209 10.01 -3.36 36.19
N MET A 210 10.96 -2.83 35.42
CA MET A 210 11.23 -1.42 35.52
C MET A 210 10.17 -0.58 34.79
N GLY A 211 9.31 -1.22 34.02
CA GLY A 211 8.41 -0.50 33.12
C GLY A 211 9.10 0.23 31.97
N TYR A 212 8.63 1.42 31.67
CA TYR A 212 9.12 2.24 30.53
C TYR A 212 9.94 3.39 31.06
N GLN A 213 11.26 3.25 30.95
CA GLN A 213 12.21 4.16 31.55
C GLN A 213 12.73 5.07 30.47
N ARG A 214 12.15 6.27 30.35
CA ARG A 214 12.60 7.21 29.34
C ARG A 214 13.94 7.78 29.75
N ILE A 215 14.81 8.01 28.78
CA ILE A 215 16.08 8.60 29.01
C ILE A 215 16.26 9.80 28.05
N THR A 216 16.38 11.00 28.59
CA THR A 216 16.10 12.20 27.79
C THR A 216 17.18 12.58 26.78
N ALA A 217 18.37 12.02 26.92
CA ALA A 217 19.37 12.14 25.88
C ALA A 217 20.05 10.79 25.68
N MET A 218 20.02 10.29 24.44
CA MET A 218 20.61 8.96 24.15
C MET A 218 21.56 9.03 22.96
N LYS A 219 21.57 10.19 22.30
CA LYS A 219 22.48 10.44 21.18
C LYS A 219 22.52 11.95 20.92
N GLU A 220 23.27 12.38 19.91
CA GLU A 220 23.40 13.82 19.62
C GLU A 220 22.37 14.24 18.59
N TYR A 221 21.87 15.46 18.73
CA TYR A 221 21.11 16.09 17.65
C TYR A 221 21.81 15.95 16.30
N GLY A 222 21.03 15.68 15.26
CA GLY A 222 21.57 15.66 13.90
C GLY A 222 22.07 14.33 13.43
N THR A 223 22.13 13.32 14.30
CA THR A 223 22.58 12.00 13.84
C THR A 223 21.36 11.16 13.50
N GLU A 224 21.53 10.25 12.54
CA GLU A 224 20.42 9.45 12.08
C GLU A 224 20.51 7.96 12.47
N GLU A 225 21.33 7.64 13.46
CA GLU A 225 21.52 6.23 13.88
C GLU A 225 20.62 5.95 15.07
N GLY A 226 19.58 5.16 14.85
CA GLY A 226 18.65 4.81 15.91
C GLY A 226 18.98 3.41 16.38
N CYS A 227 18.11 2.85 17.23
CA CYS A 227 18.32 1.49 17.74
C CYS A 227 17.00 0.97 18.28
N ARG A 228 16.71 -0.28 17.95
CA ARG A 228 15.61 -0.99 18.52
C ARG A 228 16.09 -2.44 18.68
N VAL A 229 16.36 -2.85 19.90
CA VAL A 229 16.80 -4.22 20.20
C VAL A 229 15.90 -4.80 21.29
N PHE A 230 15.51 -6.07 21.08
CA PHE A 230 14.75 -6.80 22.07
C PHE A 230 15.64 -7.92 22.60
N PHE A 231 15.87 -7.92 23.89
CA PHE A 231 16.68 -8.94 24.51
C PHE A 231 15.80 -10.12 24.87
N ILE A 232 16.04 -11.23 24.20
CA ILE A 232 15.16 -12.41 24.26
C ILE A 232 15.71 -13.56 25.10
N ASP A 233 14.85 -14.11 25.95
CA ASP A 233 15.14 -15.28 26.75
C ASP A 233 14.06 -16.32 26.53
N GLY A 234 14.31 -17.23 25.60
CA GLY A 234 13.30 -18.21 25.26
C GLY A 234 13.92 -19.43 24.60
N SER A 235 13.31 -20.60 24.82
CA SER A 235 13.76 -21.85 24.23
C SER A 235 13.13 -22.01 22.87
N ASN A 236 12.01 -21.35 22.66
CA ASN A 236 11.15 -21.73 21.56
C ASN A 236 11.74 -21.23 20.25
N ASP A 237 11.13 -21.62 19.16
CA ASP A 237 11.60 -21.16 17.87
C ASP A 237 11.36 -19.67 17.77
N VAL A 238 12.31 -18.97 17.18
CA VAL A 238 12.28 -17.54 17.03
C VAL A 238 11.12 -17.13 16.12
N ASN A 239 10.73 -18.01 15.19
CA ASN A 239 9.64 -17.67 14.29
C ASN A 239 8.30 -17.54 14.98
N THR A 240 8.09 -18.31 16.03
CA THR A 240 6.88 -18.19 16.80
C THR A 240 6.85 -16.81 17.44
N TYR A 241 7.97 -16.38 18.00
CA TYR A 241 8.03 -15.09 18.66
C TYR A 241 7.77 -13.99 17.62
N ILE A 242 8.39 -14.13 16.46
CA ILE A 242 8.26 -13.15 15.38
C ILE A 242 6.81 -13.04 14.94
N HIS A 243 6.14 -14.18 14.88
CA HIS A 243 4.76 -14.19 14.44
C HIS A 243 3.85 -13.48 15.45
N ASP A 244 4.09 -13.73 16.74
CA ASP A 244 3.39 -13.00 17.79
C ASP A 244 3.60 -11.50 17.67
N LEU A 245 4.84 -11.06 17.51
CA LEU A 245 5.12 -9.64 17.44
C LEU A 245 4.47 -8.98 16.22
N GLU A 246 4.43 -9.72 15.12
CA GLU A 246 3.86 -9.17 13.90
C GLU A 246 2.34 -9.26 13.83
N LYS A 247 1.73 -10.23 14.52
CA LYS A 247 0.33 -10.56 14.26
C LYS A 247 -0.68 -10.42 15.40
N GLN A 248 -0.19 -10.31 16.63
CA GLN A 248 -1.08 -10.32 17.79
C GLN A 248 -1.64 -8.91 18.06
N PRO A 249 -2.97 -8.75 18.00
CA PRO A 249 -3.49 -7.40 18.04
C PRO A 249 -3.70 -6.89 19.45
N ILE A 250 -3.21 -5.68 19.71
CA ILE A 250 -3.18 -5.11 21.02
C ILE A 250 -3.74 -3.68 20.95
N LEU A 251 -4.66 -3.37 21.83
CA LEU A 251 -5.02 -1.98 22.09
C LEU A 251 -4.60 -1.60 23.49
N ILE A 252 -4.05 -0.39 23.64
CA ILE A 252 -3.71 0.11 24.94
C ILE A 252 -4.92 0.87 25.51
N GLU A 253 -5.29 0.58 26.75
CA GLU A 253 -6.29 1.38 27.43
C GLU A 253 -5.83 1.56 28.85
N TRP A 254 -5.50 2.80 29.19
CA TRP A 254 -5.12 3.09 30.55
C TRP A 254 -6.38 3.33 31.40
N GLU A 255 -6.47 2.62 32.51
CA GLU A 255 -7.62 2.74 33.42
C GLU A 255 -7.36 3.77 34.47
N GLU A 256 -8.01 4.92 34.32
CA GLU A 256 -7.88 6.00 35.25
C GLU A 256 -8.36 5.47 36.59
N ASP A 257 -9.37 4.63 36.51
CA ASP A 257 -10.05 4.15 37.66
C ASP A 257 -9.08 3.45 38.59
N HIS A 258 -8.07 2.73 38.07
CA HIS A 258 -7.14 2.02 38.92
C HIS A 258 -6.15 3.02 39.54
N ASP A 259 -6.68 4.12 40.03
CA ASP A 259 -5.89 5.10 40.78
C ASP A 259 -6.53 5.40 42.12
N GLU B 6 10.47 18.30 -13.76
CA GLU B 6 9.34 18.38 -12.79
C GLU B 6 8.70 17.01 -12.63
N THR B 7 9.13 16.24 -11.63
CA THR B 7 9.00 14.79 -11.71
C THR B 7 7.56 14.33 -11.43
N PHE B 8 7.16 13.29 -12.14
CA PHE B 8 5.86 12.69 -11.94
C PHE B 8 5.95 11.44 -11.08
N TYR B 9 4.81 11.12 -10.44
CA TYR B 9 4.63 9.93 -9.58
C TYR B 9 3.46 9.07 -10.01
N SER B 10 3.71 7.76 -10.02
CA SER B 10 2.70 6.78 -10.25
C SER B 10 1.99 6.47 -8.93
N VAL B 11 0.66 6.60 -8.89
CA VAL B 11 -0.08 6.31 -7.68
C VAL B 11 -1.10 5.26 -8.02
N ARG B 12 -0.99 4.11 -7.34
CA ARG B 12 -1.80 2.95 -7.67
C ARG B 12 -2.55 2.47 -6.42
N MET B 13 -3.71 1.89 -6.64
CA MET B 13 -4.55 1.40 -5.56
C MET B 13 -5.20 0.11 -6.01
N ARG B 14 -5.38 -0.80 -5.06
CA ARG B 14 -6.28 -1.88 -5.31
C ARG B 14 -7.00 -2.26 -4.02
N ALA B 15 -8.19 -2.81 -4.17
CA ALA B 15 -8.99 -3.16 -3.02
C ALA B 15 -9.72 -4.45 -3.29
N SER B 16 -9.92 -5.23 -2.24
CA SER B 16 -10.68 -6.48 -2.36
C SER B 16 -11.50 -6.81 -1.11
N MET B 17 -12.44 -7.74 -1.23
CA MET B 17 -13.13 -8.21 -0.04
C MET B 17 -12.97 -9.71 0.16
N ASN B 18 -13.16 -10.12 1.42
CA ASN B 18 -12.86 -11.48 1.90
C ASN B 18 -11.42 -11.87 1.64
N GLY B 19 -10.50 -11.00 2.05
CA GLY B 19 -9.09 -11.20 1.81
C GLY B 19 -8.55 -10.29 0.72
N SER B 20 -7.23 -10.22 0.68
CA SER B 20 -6.49 -9.78 -0.49
C SER B 20 -6.89 -10.63 -1.70
N HIS B 21 -6.66 -10.10 -2.90
CA HIS B 21 -6.92 -10.86 -4.13
C HIS B 21 -6.05 -12.14 -4.12
N GLU B 22 -4.86 -12.05 -3.52
CA GLU B 22 -3.86 -13.13 -3.51
C GLU B 22 -4.38 -14.33 -2.72
N ASP B 23 -5.16 -14.06 -1.66
CA ASP B 23 -5.76 -15.09 -0.81
C ASP B 23 -7.09 -15.61 -1.37
N GLY B 24 -7.53 -15.05 -2.50
CA GLY B 24 -8.83 -15.37 -3.06
C GLY B 24 -9.95 -14.41 -2.68
N GLY B 25 -9.61 -13.19 -2.26
CA GLY B 25 -10.64 -12.18 -2.08
C GLY B 25 -11.24 -11.75 -3.42
N LYS B 26 -12.43 -11.17 -3.36
CA LYS B 26 -13.10 -10.62 -4.52
C LYS B 26 -12.57 -9.21 -4.78
N HIS B 27 -12.06 -8.99 -6.00
CA HIS B 27 -11.60 -7.68 -6.45
C HIS B 27 -12.76 -6.71 -6.31
N ILE B 28 -12.54 -5.61 -5.62
CA ILE B 28 -13.53 -4.55 -5.56
C ILE B 28 -13.18 -3.44 -6.55
N SER B 29 -11.99 -2.86 -6.41
CA SER B 29 -11.64 -1.63 -7.13
C SER B 29 -10.15 -1.60 -7.38
N GLY B 30 -9.78 -0.87 -8.42
CA GLY B 30 -8.39 -0.59 -8.74
C GLY B 30 -8.29 0.80 -9.34
N GLY B 31 -7.16 1.47 -9.16
CA GLY B 31 -6.96 2.75 -9.82
C GLY B 31 -5.51 3.07 -10.03
N GLU B 32 -5.26 3.95 -11.01
CA GLU B 32 -3.92 4.38 -11.32
C GLU B 32 -3.94 5.82 -11.78
N ARG B 33 -2.96 6.58 -11.33
CA ARG B 33 -2.88 8.01 -11.61
C ARG B 33 -1.42 8.32 -11.86
N LEU B 34 -1.19 9.47 -12.50
CA LEU B 34 0.18 9.91 -12.79
C LEU B 34 0.26 11.41 -12.61
N ILE B 35 1.02 11.86 -11.60
CA ILE B 35 0.79 13.18 -11.02
C ILE B 35 2.07 13.80 -10.54
N PRO B 36 2.09 15.14 -10.54
CA PRO B 36 3.17 15.83 -9.86
C PRO B 36 3.04 15.63 -8.38
N PHE B 37 4.15 15.80 -7.69
CA PHE B 37 4.23 15.47 -6.28
C PHE B 37 3.27 16.30 -5.45
N HIS B 38 2.97 17.53 -5.90
CA HIS B 38 2.15 18.41 -5.06
C HIS B 38 0.69 18.03 -5.08
N GLU B 39 0.29 17.18 -6.03
CA GLU B 39 -1.07 16.62 -6.05
C GLU B 39 -1.27 15.30 -5.25
N MET B 40 -0.28 14.91 -4.46
CA MET B 40 -0.26 13.56 -3.85
C MET B 40 -1.39 13.35 -2.84
N LYS B 41 -1.59 14.32 -1.95
CA LYS B 41 -2.61 14.16 -0.94
C LYS B 41 -3.97 14.03 -1.57
N HIS B 42 -4.32 14.95 -2.47
CA HIS B 42 -5.61 14.89 -3.11
CA HIS B 42 -5.60 14.91 -3.14
C HIS B 42 -5.79 13.54 -3.81
N THR B 43 -4.74 13.04 -4.44
CA THR B 43 -4.85 11.87 -5.31
C THR B 43 -4.99 10.63 -4.44
N VAL B 44 -4.22 10.55 -3.36
CA VAL B 44 -4.32 9.42 -2.44
C VAL B 44 -5.70 9.37 -1.80
N ASN B 45 -6.27 10.54 -1.55
CA ASN B 45 -7.62 10.61 -1.05
C ASN B 45 -8.69 10.29 -2.07
N ALA B 46 -8.45 10.62 -3.33
CA ALA B 46 -9.40 10.24 -4.36
C ALA B 46 -9.42 8.74 -4.54
N LEU B 47 -8.25 8.12 -4.58
CA LEU B 47 -8.17 6.66 -4.69
C LEU B 47 -8.74 5.94 -3.48
N LEU B 48 -8.44 6.40 -2.28
CA LEU B 48 -9.06 5.83 -1.08
C LEU B 48 -10.59 5.84 -1.15
N GLU B 49 -11.15 6.98 -1.54
CA GLU B 49 -12.58 7.16 -1.57
C GLU B 49 -13.22 6.32 -2.65
N LYS B 50 -12.56 6.23 -3.80
CA LYS B 50 -13.04 5.42 -4.90
C LYS B 50 -13.13 3.93 -4.44
N GLY B 51 -12.15 3.49 -3.66
CA GLY B 51 -12.12 2.09 -3.20
C GLY B 51 -13.18 1.84 -2.14
N LEU B 52 -13.47 2.85 -1.32
CA LEU B 52 -14.38 2.68 -0.21
C LEU B 52 -15.87 2.83 -0.56
N SER B 53 -16.18 3.46 -1.70
CA SER B 53 -17.55 3.70 -2.06
C SER B 53 -17.96 2.91 -3.29
N HIS B 54 -17.52 1.67 -3.41
CA HIS B 54 -17.69 0.98 -4.67
C HIS B 54 -18.98 0.18 -4.66
N SER B 55 -19.61 0.05 -5.83
CA SER B 55 -20.86 -0.67 -5.98
C SER B 55 -20.69 -2.17 -5.85
N ARG B 56 -19.45 -2.67 -5.96
CA ARG B 56 -19.19 -4.11 -5.79
C ARG B 56 -19.07 -4.49 -4.33
N GLY B 57 -19.07 -3.49 -3.46
CA GLY B 57 -19.11 -3.71 -2.02
C GLY B 57 -17.95 -3.04 -1.29
N LYS B 58 -17.89 -3.28 0.00
CA LYS B 58 -16.94 -2.60 0.87
C LYS B 58 -15.70 -3.47 1.02
N PRO B 59 -14.52 -2.90 0.77
CA PRO B 59 -13.29 -3.71 0.87
C PRO B 59 -12.92 -3.97 2.31
N ASP B 60 -12.31 -5.12 2.59
CA ASP B 60 -11.59 -5.31 3.84
C ASP B 60 -10.07 -5.35 3.66
N PHE B 61 -9.60 -5.11 2.43
CA PHE B 61 -8.19 -5.06 2.13
C PHE B 61 -7.97 -3.94 1.10
N MET B 62 -6.96 -3.12 1.31
CA MET B 62 -6.59 -2.15 0.30
C MET B 62 -5.14 -1.76 0.38
N GLN B 63 -4.52 -1.62 -0.79
CA GLN B 63 -3.17 -1.08 -0.88
C GLN B 63 -3.12 0.18 -1.73
N ILE B 64 -2.36 1.15 -1.28
CA ILE B 64 -2.12 2.33 -2.08
C ILE B 64 -0.63 2.55 -2.06
N GLN B 65 -0.06 2.84 -3.22
CA GLN B 65 1.36 2.95 -3.34
C GLN B 65 1.67 4.14 -4.27
N PHE B 66 2.77 4.83 -4.00
CA PHE B 66 3.31 5.76 -4.96
C PHE B 66 4.79 5.57 -5.13
N GLU B 67 5.24 5.82 -6.36
CA GLU B 67 6.66 5.83 -6.67
C GLU B 67 6.96 6.89 -7.73
N GLU B 68 8.14 7.47 -7.65
CA GLU B 68 8.70 8.31 -8.71
C GLU B 68 8.83 7.58 -10.03
N VAL B 69 8.44 8.28 -11.09
CA VAL B 69 8.67 7.78 -12.43
C VAL B 69 9.95 8.38 -13.03
N HIS B 70 10.79 7.52 -13.56
CA HIS B 70 12.09 7.92 -14.09
C HIS B 70 12.18 7.90 -15.62
N GLU B 71 11.18 7.33 -16.28
CA GLU B 71 11.05 7.42 -17.73
C GLU B 71 10.37 8.74 -18.13
N SER B 72 10.66 9.23 -19.33
CA SER B 72 10.07 10.50 -19.75
C SER B 72 8.60 10.33 -20.11
N ILE B 73 7.81 11.36 -19.84
CA ILE B 73 6.40 11.30 -20.09
C ILE B 73 6.12 11.62 -21.54
N LYS B 74 5.27 10.82 -22.17
CA LYS B 74 4.82 11.07 -23.51
C LYS B 74 3.37 11.52 -23.49
N THR B 75 3.05 12.56 -24.26
CA THR B 75 1.72 13.15 -24.30
C THR B 75 1.06 12.89 -25.64
N ILE B 76 -0.16 12.35 -25.61
CA ILE B 76 -0.86 11.91 -26.81
C ILE B 76 -2.30 12.40 -26.79
N GLN B 77 -2.91 12.36 -27.96
CA GLN B 77 -4.34 12.51 -28.16
C GLN B 77 -5.14 11.29 -27.67
N PRO B 78 -6.34 11.53 -27.15
CA PRO B 78 -7.30 10.46 -27.05
C PRO B 78 -7.72 9.93 -28.42
N LEU B 79 -8.06 8.65 -28.47
CA LEU B 79 -8.71 8.10 -29.64
C LEU B 79 -9.96 8.89 -29.94
N PRO B 80 -10.29 9.01 -31.23
CA PRO B 80 -11.65 9.35 -31.69
C PRO B 80 -12.70 8.40 -31.14
N VAL B 81 -13.80 8.98 -30.68
CA VAL B 81 -14.87 8.25 -30.02
C VAL B 81 -16.13 8.18 -30.87
N HIS B 82 -16.74 7.01 -30.95
CA HIS B 82 -18.08 6.85 -31.51
C HIS B 82 -18.94 6.05 -30.54
N THR B 83 -20.18 6.50 -30.32
CA THR B 83 -21.13 5.79 -29.46
C THR B 83 -22.14 5.04 -30.28
N ASN B 84 -22.14 3.72 -30.14
CA ASN B 84 -23.11 2.85 -30.78
C ASN B 84 -24.24 2.50 -29.85
N GLU B 85 -25.44 2.99 -30.17
CA GLU B 85 -26.63 2.73 -29.37
C GLU B 85 -27.21 1.39 -29.75
N VAL B 86 -27.40 0.51 -28.78
CA VAL B 86 -27.96 -0.79 -29.04
C VAL B 86 -29.09 -0.99 -28.04
N SER B 87 -29.97 -1.94 -28.32
CA SER B 87 -31.19 -2.12 -27.55
C SER B 87 -30.99 -3.15 -26.42
N CYS B 88 -29.95 -3.98 -26.51
CA CYS B 88 -29.75 -5.07 -25.53
C CYS B 88 -28.33 -5.60 -25.57
N PRO B 89 -27.93 -6.36 -24.54
CA PRO B 89 -26.55 -6.84 -24.43
C PRO B 89 -26.14 -7.81 -25.53
N GLU B 90 -27.07 -8.62 -26.01
CA GLU B 90 -26.77 -9.57 -27.10
C GLU B 90 -26.50 -8.82 -28.40
N GLU B 91 -27.22 -7.72 -28.61
CA GLU B 91 -26.95 -6.90 -29.76
C GLU B 91 -25.57 -6.26 -29.63
N GLY B 92 -25.26 -5.75 -28.43
CA GLY B 92 -23.96 -5.12 -28.19
C GLY B 92 -22.80 -6.09 -28.35
N GLN B 93 -22.95 -7.31 -27.85
CA GLN B 93 -21.89 -8.33 -27.95
C GLN B 93 -21.62 -8.73 -29.39
N LYS B 94 -22.68 -8.95 -30.16
CA LYS B 94 -22.56 -9.17 -31.60
C LYS B 94 -21.86 -8.00 -32.31
N LEU B 95 -22.27 -6.79 -32.02
CA LEU B 95 -21.60 -5.64 -32.61
C LEU B 95 -20.13 -5.66 -32.19
N ALA B 96 -19.87 -5.96 -30.94
CA ALA B 96 -18.48 -5.94 -30.50
C ALA B 96 -17.65 -6.91 -31.33
N ARG B 97 -18.21 -8.08 -31.59
CA ARG B 97 -17.51 -9.09 -32.39
C ARG B 97 -17.30 -8.63 -33.84
N LEU B 98 -18.29 -7.94 -34.37
CA LEU B 98 -18.16 -7.34 -35.71
C LEU B 98 -17.01 -6.36 -35.72
N LEU B 99 -16.99 -5.45 -34.75
CA LEU B 99 -15.92 -4.46 -34.65
C LEU B 99 -14.53 -5.05 -34.42
N LEU B 100 -14.43 -6.12 -33.63
CA LEU B 100 -13.12 -6.76 -33.51
C LEU B 100 -12.62 -7.27 -34.84
N GLU B 101 -13.51 -7.85 -35.64
CA GLU B 101 -13.17 -8.33 -36.97
C GLU B 101 -12.77 -7.20 -37.92
N LYS B 102 -13.54 -6.11 -37.96
CA LYS B 102 -13.13 -4.89 -38.67
C LYS B 102 -11.72 -4.43 -38.30
N GLU B 103 -11.40 -4.54 -37.02
CA GLU B 103 -10.12 -4.05 -36.55
C GLU B 103 -8.97 -4.97 -36.94
N GLY B 104 -9.30 -6.15 -37.44
CA GLY B 104 -8.26 -7.05 -37.96
C GLY B 104 -8.12 -8.36 -37.23
N VAL B 105 -8.97 -8.63 -36.24
CA VAL B 105 -8.93 -9.93 -35.55
C VAL B 105 -9.73 -10.95 -36.35
N SER B 106 -9.19 -12.15 -36.49
CA SER B 106 -9.90 -13.17 -37.25
C SER B 106 -11.07 -13.70 -36.42
N ARG B 107 -12.12 -14.12 -37.11
CA ARG B 107 -13.28 -14.71 -36.46
C ARG B 107 -12.93 -15.87 -35.54
N ASP B 108 -11.99 -16.72 -35.95
CA ASP B 108 -11.66 -17.89 -35.15
C ASP B 108 -11.01 -17.51 -33.83
N VAL B 109 -10.11 -16.53 -33.87
CA VAL B 109 -9.55 -15.99 -32.65
C VAL B 109 -10.61 -15.31 -31.74
N ILE B 110 -11.54 -14.57 -32.33
CA ILE B 110 -12.64 -13.99 -31.58
C ILE B 110 -13.48 -15.07 -30.88
N GLU B 111 -13.87 -16.12 -31.59
CA GLU B 111 -14.64 -17.20 -30.95
C GLU B 111 -13.86 -17.87 -29.82
N LYS B 112 -12.57 -18.09 -30.03
CA LYS B 112 -11.80 -18.78 -29.00
C LYS B 112 -11.67 -17.93 -27.74
N ALA B 113 -11.61 -16.62 -27.93
CA ALA B 113 -11.54 -15.70 -26.79
C ALA B 113 -12.85 -15.65 -26.04
N TYR B 114 -13.94 -15.60 -26.80
CA TYR B 114 -15.26 -15.56 -26.20
C TYR B 114 -15.54 -16.80 -25.37
N GLU B 115 -14.97 -17.94 -25.75
CA GLU B 115 -15.12 -19.15 -24.95
C GLU B 115 -14.47 -18.99 -23.59
N GLN B 116 -13.40 -18.22 -23.54
CA GLN B 116 -12.60 -18.14 -22.34
C GLN B 116 -13.01 -16.99 -21.44
N ILE B 117 -13.78 -16.04 -21.98
CA ILE B 117 -14.10 -14.81 -21.25
C ILE B 117 -14.71 -15.08 -19.87
N PRO B 118 -15.71 -15.98 -19.79
CA PRO B 118 -16.26 -16.42 -18.49
C PRO B 118 -15.18 -16.89 -17.50
N GLU B 119 -14.18 -17.61 -17.99
CA GLU B 119 -13.07 -18.02 -17.15
C GLU B 119 -12.31 -16.82 -16.57
N TRP B 120 -12.36 -15.66 -17.22
CA TRP B 120 -11.47 -14.57 -16.87
C TRP B 120 -12.18 -13.53 -16.02
N SER B 121 -13.39 -13.85 -15.58
CA SER B 121 -14.19 -12.94 -14.72
C SER B 121 -13.43 -12.51 -13.48
N ASP B 122 -12.56 -13.36 -12.97
CA ASP B 122 -11.90 -13.03 -11.70
C ASP B 122 -10.57 -12.29 -11.90
N VAL B 123 -10.19 -12.03 -13.14
CA VAL B 123 -8.93 -11.37 -13.42
C VAL B 123 -9.03 -9.89 -13.13
N ARG B 124 -8.06 -9.40 -12.36
CA ARG B 124 -8.10 -8.06 -11.82
C ARG B 124 -7.55 -6.99 -12.79
N GLY B 125 -6.75 -7.42 -13.75
CA GLY B 125 -6.30 -6.54 -14.83
C GLY B 125 -6.81 -7.07 -16.13
N ALA B 126 -5.94 -7.03 -17.15
CA ALA B 126 -6.29 -7.42 -18.49
C ALA B 126 -5.67 -8.76 -18.87
N VAL B 127 -6.37 -9.49 -19.70
CA VAL B 127 -5.86 -10.70 -20.33
C VAL B 127 -5.26 -10.32 -21.68
N LEU B 128 -4.07 -10.85 -21.96
CA LEU B 128 -3.47 -10.72 -23.29
C LEU B 128 -3.73 -11.98 -24.10
N PHE B 129 -4.32 -11.79 -25.26
CA PHE B 129 -4.71 -12.90 -26.09
C PHE B 129 -3.94 -12.91 -27.40
N ASP B 130 -3.15 -13.96 -27.61
CA ASP B 130 -2.23 -14.00 -28.77
C ASP B 130 -2.99 -14.45 -29.99
N ILE B 131 -3.05 -13.61 -31.04
CA ILE B 131 -3.78 -14.01 -32.24
C ILE B 131 -3.04 -15.07 -33.06
N HIS B 132 -1.78 -15.32 -32.75
CA HIS B 132 -1.02 -16.36 -33.46
C HIS B 132 -1.28 -17.77 -32.92
N THR B 133 -1.64 -17.88 -31.65
CA THR B 133 -1.89 -19.18 -31.04
C THR B 133 -3.37 -19.40 -30.79
N GLY B 134 -4.11 -18.30 -30.74
CA GLY B 134 -5.50 -18.34 -30.33
C GLY B 134 -5.65 -18.73 -28.87
N LYS B 135 -4.71 -18.29 -28.04
CA LYS B 135 -4.73 -18.62 -26.62
C LYS B 135 -4.22 -17.43 -25.84
N ARG B 136 -4.48 -17.47 -24.54
CA ARG B 136 -3.97 -16.46 -23.64
C ARG B 136 -2.47 -16.48 -23.67
N MET B 137 -1.87 -15.31 -23.49
CA MET B 137 -0.44 -15.15 -23.79
C MET B 137 0.30 -14.80 -22.51
N ASP B 138 -0.35 -14.11 -21.59
CA ASP B 138 0.33 -13.76 -20.34
C ASP B 138 0.10 -14.90 -19.35
N GLN B 139 0.97 -14.97 -18.36
CA GLN B 139 0.96 -16.07 -17.39
C GLN B 139 0.69 -15.51 -15.99
N THR B 140 -0.10 -14.44 -15.93
CA THR B 140 -0.35 -13.74 -14.68
C THR B 140 -1.55 -14.29 -13.96
N LYS B 141 -2.30 -15.16 -14.63
CA LYS B 141 -3.49 -15.77 -14.05
C LYS B 141 -4.44 -14.69 -13.50
N GLU B 142 -4.83 -14.82 -12.24
CA GLU B 142 -5.89 -13.98 -11.72
C GLU B 142 -5.44 -12.53 -11.55
N LYS B 143 -4.15 -12.29 -11.60
CA LYS B 143 -3.64 -10.95 -11.37
C LYS B 143 -3.88 -10.13 -12.64
N GLY B 144 -3.69 -10.77 -13.79
CA GLY B 144 -3.82 -10.11 -15.06
C GLY B 144 -2.69 -9.14 -15.26
N VAL B 145 -2.75 -8.40 -16.36
CA VAL B 145 -1.78 -7.34 -16.58
C VAL B 145 -2.49 -6.00 -16.30
N ARG B 146 -1.90 -5.17 -15.46
CA ARG B 146 -2.54 -3.94 -15.01
C ARG B 146 -1.87 -2.71 -15.68
N VAL B 147 -2.54 -2.11 -16.63
CA VAL B 147 -1.96 -0.94 -17.30
C VAL B 147 -1.86 0.19 -16.29
N SER B 148 -0.69 0.80 -16.18
CA SER B 148 -0.53 1.92 -15.25
C SER B 148 0.12 3.15 -15.89
N ARG B 149 0.33 4.14 -15.06
CA ARG B 149 1.15 5.29 -15.43
C ARG B 149 0.54 6.03 -16.61
N MET B 150 -0.79 6.12 -16.62
CA MET B 150 -1.47 6.97 -17.58
C MET B 150 -2.48 7.84 -16.82
N ASP B 151 -2.74 9.04 -17.32
CA ASP B 151 -3.68 9.92 -16.69
C ASP B 151 -4.01 11.07 -17.65
N TRP B 152 -4.97 11.90 -17.26
CA TRP B 152 -5.61 12.86 -18.17
C TRP B 152 -6.07 13.98 -17.27
N PRO B 153 -5.37 15.13 -17.29
CA PRO B 153 -5.81 16.28 -16.48
C PRO B 153 -7.28 16.66 -16.69
N ASP B 154 -8.02 16.74 -15.59
CA ASP B 154 -9.47 16.92 -15.60
C ASP B 154 -9.90 18.08 -16.51
N ALA B 155 -9.16 19.19 -16.45
CA ALA B 155 -9.59 20.41 -17.15
C ALA B 155 -9.66 20.12 -18.64
N ASN B 156 -8.60 19.51 -19.15
CA ASN B 156 -8.55 19.16 -20.56
C ASN B 156 -9.60 18.08 -20.92
N PHE B 157 -9.81 17.10 -20.04
CA PHE B 157 -10.85 16.10 -20.28
C PHE B 157 -12.24 16.72 -20.36
N GLU B 158 -12.53 17.65 -19.47
CA GLU B 158 -13.83 18.31 -19.48
C GLU B 158 -14.07 19.11 -20.75
N LYS B 159 -13.04 19.79 -21.26
CA LYS B 159 -13.12 20.39 -22.60
C LYS B 159 -13.43 19.34 -23.68
N TRP B 160 -12.72 18.22 -23.61
CA TRP B 160 -12.91 17.17 -24.59
C TRP B 160 -14.34 16.64 -24.54
N ALA B 161 -14.89 16.51 -23.35
CA ALA B 161 -16.22 15.90 -23.22
C ALA B 161 -17.33 16.85 -23.71
N LEU B 162 -17.18 18.12 -23.38
CA LEU B 162 -18.01 19.16 -23.95
C LEU B 162 -18.01 19.06 -25.49
N HIS B 163 -16.84 19.15 -26.09
CA HIS B 163 -16.77 19.08 -27.54
C HIS B 163 -17.41 17.79 -28.06
N SER B 164 -17.24 16.67 -27.35
CA SER B 164 -17.65 15.38 -27.87
C SER B 164 -19.11 15.02 -27.61
N HIS B 165 -19.82 15.85 -26.84
CA HIS B 165 -21.22 15.61 -26.48
C HIS B 165 -21.31 14.28 -25.73
N VAL B 166 -20.29 14.05 -24.92
CA VAL B 166 -20.24 12.90 -24.04
C VAL B 166 -20.17 13.45 -22.62
N PRO B 167 -20.85 12.79 -21.67
CA PRO B 167 -20.82 13.28 -20.29
C PRO B 167 -19.41 13.19 -19.68
N ALA B 168 -19.09 14.15 -18.82
CA ALA B 168 -17.78 14.25 -18.21
C ALA B 168 -17.62 13.32 -17.01
N HIS B 169 -17.89 12.04 -17.19
CA HIS B 169 -17.76 11.07 -16.11
C HIS B 169 -16.35 10.53 -16.02
N SER B 170 -15.91 10.34 -14.79
CA SER B 170 -14.57 9.85 -14.55
C SER B 170 -14.35 8.43 -15.09
N ARG B 171 -15.41 7.62 -15.18
CA ARG B 171 -15.29 6.28 -15.77
C ARG B 171 -14.76 6.42 -17.20
N ILE B 172 -15.28 7.40 -17.93
CA ILE B 172 -14.95 7.55 -19.35
C ILE B 172 -13.55 8.10 -19.48
N LYS B 173 -13.22 9.09 -18.67
CA LYS B 173 -11.87 9.59 -18.64
C LYS B 173 -10.84 8.46 -18.42
N GLU B 174 -11.08 7.65 -17.40
CA GLU B 174 -10.18 6.54 -17.07
C GLU B 174 -10.10 5.55 -18.20
N ALA B 175 -11.24 5.15 -18.75
CA ALA B 175 -11.24 4.17 -19.81
C ALA B 175 -10.57 4.66 -21.08
N LEU B 176 -10.87 5.89 -21.48
CA LEU B 176 -10.34 6.40 -22.73
C LEU B 176 -8.87 6.68 -22.60
N ALA B 177 -8.43 7.05 -21.41
CA ALA B 177 -6.98 7.21 -21.17
C ALA B 177 -6.28 5.85 -21.33
N LEU B 178 -6.84 4.81 -20.73
CA LEU B 178 -6.26 3.45 -20.82
C LEU B 178 -6.27 2.96 -22.26
N ALA B 179 -7.42 3.05 -22.88
CA ALA B 179 -7.57 2.52 -24.20
C ALA B 179 -6.66 3.26 -25.17
N SER B 180 -6.50 4.56 -24.99
CA SER B 180 -5.55 5.30 -25.86
C SER B 180 -4.09 4.88 -25.66
N LYS B 181 -3.69 4.69 -24.40
CA LYS B 181 -2.36 4.21 -24.16
C LYS B 181 -2.18 2.86 -24.82
N VAL B 182 -3.17 1.98 -24.64
CA VAL B 182 -3.02 0.58 -25.05
C VAL B 182 -3.02 0.47 -26.57
N SER B 183 -3.87 1.24 -27.23
CA SER B 183 -4.01 1.15 -28.69
C SER B 183 -2.80 1.68 -29.45
N ARG B 184 -2.12 2.64 -28.85
CA ARG B 184 -0.85 3.15 -29.33
C ARG B 184 0.25 2.06 -29.42
N HIS B 185 0.19 1.08 -28.53
CA HIS B 185 1.22 0.04 -28.57
C HIS B 185 1.16 -0.69 -29.92
N PRO B 186 2.26 -0.69 -30.65
CA PRO B 186 2.19 -1.27 -32.00
C PRO B 186 1.81 -2.78 -32.07
N ALA B 187 1.99 -3.52 -30.99
CA ALA B 187 1.62 -4.95 -31.03
C ALA B 187 0.16 -5.23 -30.61
N VAL B 188 -0.56 -4.22 -30.12
CA VAL B 188 -1.98 -4.41 -29.82
C VAL B 188 -2.84 -4.10 -31.04
N VAL B 189 -3.63 -5.09 -31.43
CA VAL B 189 -4.52 -4.96 -32.57
C VAL B 189 -5.87 -4.40 -32.11
N ALA B 190 -6.35 -4.90 -30.96
CA ALA B 190 -7.66 -4.53 -30.48
C ALA B 190 -7.82 -4.76 -28.99
N GLU B 191 -8.72 -3.98 -28.39
CA GLU B 191 -9.14 -4.21 -27.01
C GLU B 191 -10.67 -4.37 -26.93
N LEU B 192 -11.09 -5.30 -26.09
CA LEU B 192 -12.50 -5.49 -25.76
C LEU B 192 -12.68 -5.29 -24.27
N CYS B 193 -13.69 -4.52 -23.89
CA CYS B 193 -13.90 -4.17 -22.51
C CYS B 193 -15.39 -4.05 -22.15
N TRP B 194 -15.74 -4.52 -20.96
CA TRP B 194 -16.93 -3.99 -20.29
C TRP B 194 -16.77 -4.14 -18.78
N SER B 195 -17.66 -3.48 -18.04
CA SER B 195 -17.42 -3.21 -16.65
C SER B 195 -17.71 -4.45 -15.82
N ASP B 196 -17.08 -4.57 -14.67
CA ASP B 196 -17.44 -5.61 -13.70
C ASP B 196 -18.34 -5.00 -12.62
N ASP B 197 -18.73 -3.74 -12.80
CA ASP B 197 -19.67 -3.06 -11.90
C ASP B 197 -21.12 -3.48 -12.17
N PRO B 198 -21.91 -3.72 -11.11
CA PRO B 198 -23.26 -4.17 -11.35
C PRO B 198 -24.14 -3.08 -11.99
N ASP B 199 -23.73 -1.82 -11.88
CA ASP B 199 -24.59 -0.71 -12.19
C ASP B 199 -24.10 0.07 -13.41
N TYR B 200 -23.34 -0.60 -14.27
CA TYR B 200 -22.80 0.03 -15.49
C TYR B 200 -22.62 -0.99 -16.60
N ILE B 201 -23.41 -0.82 -17.66
CA ILE B 201 -23.50 -1.85 -18.68
C ILE B 201 -22.90 -1.42 -20.05
N THR B 202 -22.47 -0.18 -20.16
CA THR B 202 -21.72 0.26 -21.33
C THR B 202 -20.29 -0.30 -21.35
N GLY B 203 -19.86 -0.72 -22.53
CA GLY B 203 -18.48 -1.18 -22.74
C GLY B 203 -17.98 -0.63 -24.06
N TYR B 204 -16.87 -1.17 -24.54
CA TYR B 204 -16.30 -0.70 -25.79
C TYR B 204 -15.37 -1.70 -26.41
N VAL B 205 -15.14 -1.50 -27.69
CA VAL B 205 -14.02 -2.07 -28.41
C VAL B 205 -13.15 -0.93 -28.95
N ALA B 206 -11.84 -1.08 -28.83
CA ALA B 206 -10.93 -0.03 -29.27
C ALA B 206 -9.88 -0.59 -30.19
N GLY B 207 -9.51 0.24 -31.13
CA GLY B 207 -8.38 -0.07 -31.98
C GLY B 207 -7.92 1.11 -32.83
N LYS B 208 -6.86 0.88 -33.59
CA LYS B 208 -6.19 1.92 -34.36
C LYS B 208 -7.04 2.42 -35.55
N LYS B 209 -7.85 1.54 -36.13
CA LYS B 209 -8.67 1.89 -37.29
C LYS B 209 -10.00 2.53 -36.91
N MET B 210 -10.68 1.95 -35.93
CA MET B 210 -12.03 2.35 -35.59
CA MET B 210 -12.04 2.39 -35.61
C MET B 210 -12.06 3.36 -34.43
N GLY B 211 -10.93 3.54 -33.77
CA GLY B 211 -10.89 4.31 -32.52
C GLY B 211 -11.64 3.62 -31.36
N TYR B 212 -12.29 4.44 -30.54
CA TYR B 212 -12.91 4.02 -29.30
C TYR B 212 -14.40 3.93 -29.57
N GLN B 213 -14.85 2.67 -29.77
CA GLN B 213 -16.23 2.40 -30.14
C GLN B 213 -17.06 1.98 -28.95
N ARG B 214 -17.80 2.91 -28.38
CA ARG B 214 -18.60 2.62 -27.20
C ARG B 214 -19.83 1.85 -27.61
N ILE B 215 -20.23 0.90 -26.77
CA ILE B 215 -21.39 0.10 -27.04
C ILE B 215 -22.27 0.14 -25.81
N THR B 216 -23.48 0.71 -25.92
CA THR B 216 -24.20 1.14 -24.73
C THR B 216 -24.78 0.03 -23.86
N ALA B 217 -24.84 -1.19 -24.36
CA ALA B 217 -25.25 -2.30 -23.52
C ALA B 217 -24.41 -3.50 -23.89
N MET B 218 -23.71 -4.03 -22.93
CA MET B 218 -22.82 -5.17 -23.16
C MET B 218 -23.11 -6.31 -22.19
N LYS B 219 -23.96 -6.05 -21.21
CA LYS B 219 -24.35 -7.09 -20.24
C LYS B 219 -25.60 -6.59 -19.52
N GLU B 220 -26.12 -7.38 -18.58
CA GLU B 220 -27.32 -7.00 -17.82
C GLU B 220 -26.91 -6.26 -16.55
N TYR B 221 -27.71 -5.25 -16.19
CA TYR B 221 -27.62 -4.66 -14.87
C TYR B 221 -27.59 -5.73 -13.78
N GLY B 222 -26.77 -5.50 -12.75
CA GLY B 222 -26.72 -6.39 -11.61
C GLY B 222 -25.75 -7.57 -11.73
N THR B 223 -25.09 -7.72 -12.87
CA THR B 223 -24.10 -8.79 -12.98
C THR B 223 -22.72 -8.20 -12.69
N GLU B 224 -21.82 -9.03 -12.17
CA GLU B 224 -20.52 -8.55 -11.76
C GLU B 224 -19.39 -9.18 -12.58
N GLU B 225 -19.71 -9.69 -13.76
CA GLU B 225 -18.69 -10.25 -14.63
C GLU B 225 -18.32 -9.15 -15.64
N GLY B 226 -17.08 -8.66 -15.59
CA GLY B 226 -16.57 -7.71 -16.59
C GLY B 226 -15.63 -8.41 -17.56
N CYS B 227 -14.94 -7.63 -18.38
CA CYS B 227 -13.96 -8.19 -19.32
C CYS B 227 -12.98 -7.09 -19.75
N ARG B 228 -11.72 -7.45 -19.79
CA ARG B 228 -10.70 -6.62 -20.40
C ARG B 228 -9.72 -7.53 -21.10
N VAL B 229 -9.78 -7.56 -22.42
CA VAL B 229 -8.91 -8.42 -23.22
C VAL B 229 -8.22 -7.58 -24.28
N PHE B 230 -6.90 -7.77 -24.37
CA PHE B 230 -6.10 -7.18 -25.44
C PHE B 230 -5.67 -8.27 -26.42
N PHE B 231 -5.95 -8.04 -27.70
CA PHE B 231 -5.57 -8.97 -28.74
C PHE B 231 -4.23 -8.56 -29.29
N ILE B 232 -3.27 -9.48 -29.18
CA ILE B 232 -1.87 -9.17 -29.43
C ILE B 232 -1.36 -9.81 -30.72
N ASP B 233 -0.75 -8.99 -31.57
CA ASP B 233 -0.08 -9.49 -32.78
C ASP B 233 1.32 -8.90 -32.87
N GLY B 234 2.29 -9.65 -32.37
CA GLY B 234 3.60 -9.09 -32.10
C GLY B 234 4.70 -10.09 -32.36
N SER B 235 5.93 -9.59 -32.40
CA SER B 235 7.08 -10.44 -32.65
C SER B 235 7.87 -10.63 -31.37
N ASN B 236 7.50 -9.94 -30.29
CA ASN B 236 8.29 -10.01 -29.08
C ASN B 236 7.72 -10.98 -28.06
N ASP B 237 8.44 -11.16 -26.96
CA ASP B 237 7.95 -12.00 -25.87
C ASP B 237 6.99 -11.19 -25.00
N VAL B 238 6.14 -11.91 -24.29
CA VAL B 238 5.02 -11.30 -23.63
C VAL B 238 5.49 -10.46 -22.45
N ASN B 239 6.65 -10.80 -21.90
CA ASN B 239 7.17 -10.05 -20.77
C ASN B 239 7.52 -8.62 -21.17
N THR B 240 7.99 -8.44 -22.39
CA THR B 240 8.33 -7.12 -22.89
C THR B 240 7.07 -6.26 -23.01
N TYR B 241 6.01 -6.84 -23.54
CA TYR B 241 4.77 -6.12 -23.71
C TYR B 241 4.13 -5.76 -22.37
N ILE B 242 4.26 -6.65 -21.40
CA ILE B 242 3.76 -6.42 -20.06
C ILE B 242 4.54 -5.31 -19.41
N HIS B 243 5.85 -5.29 -19.64
CA HIS B 243 6.66 -4.21 -19.08
C HIS B 243 6.27 -2.86 -19.74
N ASP B 244 5.97 -2.87 -21.04
CA ASP B 244 5.57 -1.62 -21.75
C ASP B 244 4.27 -1.09 -21.16
N LEU B 245 3.28 -1.95 -21.02
CA LEU B 245 1.98 -1.55 -20.50
C LEU B 245 2.03 -1.09 -19.03
N GLU B 246 2.92 -1.67 -18.24
CA GLU B 246 2.98 -1.32 -16.84
C GLU B 246 3.83 -0.09 -16.61
N LYS B 247 4.79 0.18 -17.49
CA LYS B 247 5.82 1.18 -17.16
C LYS B 247 5.82 2.48 -18.01
N GLN B 248 5.30 2.43 -19.22
CA GLN B 248 5.42 3.60 -20.12
C GLN B 248 4.46 4.70 -19.75
N PRO B 249 4.98 5.84 -19.32
CA PRO B 249 4.10 6.87 -18.81
C PRO B 249 3.46 7.71 -19.91
N ILE B 250 2.15 7.90 -19.79
CA ILE B 250 1.36 8.58 -20.80
C ILE B 250 0.49 9.62 -20.11
N LEU B 251 0.48 10.84 -20.62
CA LEU B 251 -0.58 11.81 -20.34
C LEU B 251 -1.43 12.08 -21.56
N ILE B 252 -2.74 12.13 -21.38
CA ILE B 252 -3.61 12.49 -22.46
C ILE B 252 -3.74 14.03 -22.51
N GLU B 253 -3.60 14.60 -23.69
CA GLU B 253 -3.95 16.00 -23.90
C GLU B 253 -4.57 16.11 -25.27
N TRP B 254 -5.86 16.41 -25.26
CA TRP B 254 -6.63 16.56 -26.47
C TRP B 254 -6.48 17.98 -26.96
N GLU B 255 -6.41 18.14 -28.28
CA GLU B 255 -6.56 19.46 -28.92
C GLU B 255 -7.41 19.35 -30.16
N GLU B 256 -8.37 20.27 -30.28
CA GLU B 256 -9.40 20.18 -31.30
C GLU B 256 -8.80 20.11 -32.71
N ASP B 257 -9.56 19.53 -33.63
CA ASP B 257 -9.32 19.67 -35.08
C ASP B 257 -10.34 20.61 -35.70
C1 PML C . 9.75 8.79 24.19
O11 PML C . 9.32 8.24 25.25
O12 PML C . 9.78 10.07 24.08
C2 PML C . 10.62 7.91 23.26
C3 PML C . 10.21 7.83 21.80
C4 PML C . 11.40 7.63 20.83
C5 PML C . 11.24 6.48 19.86
C6 PML C . 11.54 6.84 18.40
C7 PML C . 10.63 7.95 17.89
O71 PML C . 9.39 7.76 17.89
O72 PML C . 11.14 8.96 17.35
PG ANP D . 8.92 7.21 12.17
O1G ANP D . 8.15 7.83 11.04
O2G ANP D . 10.08 8.06 12.60
O3G ANP D . 8.11 6.76 13.35
PB ANP D . 9.99 4.45 12.43
O1B ANP D . 8.79 4.10 13.26
O2B ANP D . 10.62 3.53 11.46
N3B ANP D . 9.59 5.81 11.45
PA ANP D . 11.02 5.41 14.95
O1A ANP D . 11.90 6.53 15.27
O2A ANP D . 9.58 5.36 15.35
O3A ANP D . 11.17 5.00 13.39
O5' ANP D . 11.79 4.10 15.62
C5' ANP D . 13.18 4.07 15.74
C4' ANP D . 13.70 2.70 15.27
O4' ANP D . 13.04 1.69 16.04
C3' ANP D . 13.37 2.43 13.81
O3' ANP D . 14.45 2.82 12.96
C2' ANP D . 13.24 0.94 13.78
O2' ANP D . 14.55 0.36 13.75
C1' ANP D . 12.63 0.66 15.13
N9 ANP D . 11.17 0.59 14.97
C8 ANP D . 10.28 1.63 14.76
N7 ANP D . 9.01 1.15 14.74
C5 ANP D . 9.09 -0.21 14.90
C6 ANP D . 8.17 -1.35 14.93
N6 ANP D . 6.85 -1.19 14.77
N1 ANP D . 8.67 -2.59 15.13
C2 ANP D . 9.98 -2.80 15.25
N3 ANP D . 10.90 -1.81 15.30
C4 ANP D . 10.52 -0.55 15.02
MG MG E . 7.76 5.09 14.61
MG MG F . 12.29 7.45 12.90
C1 PML G . -17.49 4.36 -21.27
O11 PML G . -16.96 4.63 -22.38
O12 PML G . -18.69 4.61 -21.05
C2 PML G . -16.69 3.56 -20.24
C3 PML G . -16.62 2.09 -20.61
C4 PML G . -15.81 1.23 -19.62
C5 PML G . -16.40 1.30 -18.22
C6 PML G . -15.63 0.51 -17.14
C7 PML G . -15.92 1.10 -15.76
O71 PML G . -16.86 0.63 -15.05
O72 PML G . -15.24 2.07 -15.37
PG ANP H . -13.15 0.58 -10.67
O1G ANP H . -14.50 0.01 -10.92
O2G ANP H . -12.47 1.33 -11.84
O3G ANP H . -13.02 1.16 -9.27
PB ANP H . -11.36 -1.34 -12.03
O1B ANP H . -10.40 -0.35 -12.56
O2B ANP H . -10.63 -2.62 -11.63
N3B ANP H . -12.13 -0.82 -10.60
PA ANP H . -13.14 -1.01 -14.28
O1A ANP H . -14.60 -1.15 -14.16
O2A ANP H . -12.48 0.38 -14.27
O3A ANP H . -12.42 -1.87 -13.12
O5' ANP H . -12.65 -1.96 -15.48
C5' ANP H . -13.32 -3.20 -15.69
C4' ANP H . -12.33 -4.33 -15.86
O4' ANP H . -11.25 -3.96 -16.73
C3' ANP H . -11.70 -4.65 -14.52
O3' ANP H . -12.47 -5.63 -13.80
C2' ANP H . -10.32 -5.13 -14.92
O2' ANP H . -10.33 -6.56 -15.15
C1' ANP H . -10.02 -4.33 -16.18
N9 ANP H . -9.19 -3.14 -15.90
C8 ANP H . -9.55 -2.02 -15.22
N7 ANP H . -8.51 -1.17 -15.13
C5 ANP H . -7.47 -1.74 -15.80
C6 ANP H . -6.04 -1.45 -16.03
N6 ANP H . -5.47 -0.32 -15.59
N1 ANP H . -5.28 -2.39 -16.62
C2 ANP H . -5.79 -3.56 -17.07
N3 ANP H . -7.05 -3.93 -16.84
C4 ANP H . -7.89 -3.08 -16.19
MG MG I . -11.22 1.40 -13.30
MG MG J . -15.04 -2.04 -11.85
#